data_5DMU
#
_entry.id   5DMU
#
_cell.length_a   44.420
_cell.length_b   60.550
_cell.length_c   59.410
_cell.angle_alpha   90.000
_cell.angle_beta   101.020
_cell.angle_gamma   90.000
#
_symmetry.space_group_name_H-M   'P 1 21 1'
#
loop_
_entity.id
_entity.type
_entity.pdbx_description
1 polymer 'NHEJ Polymerase'
2 non-polymer 1,2-ETHANEDIOL
3 non-polymer GLYCEROL
4 non-polymer 'SULFATE ION'
5 non-polymer 'SODIUM ION'
6 water water
#
_entity_poly.entity_id   1
_entity_poly.type   'polypeptide(L)'
_entity_poly.pdbx_seq_one_letter_code
;GLVPRGSHMTEVLHIEGHDIKVTNPDKVLFPEDGITKGELVDYYRRISGVMVPLVRGRPMTMQRFPDGIGKEGFFQKEAS
DYFPDWVHRATLELGKGGIQHQVVCDDAATLVYLASQAMITPHVFLSRIDKVHYPDRLIFDLDPPDNNFETVRSAAKTIR
EALDAEGYPVYLMTTGSRGLHVVVPLDRSADFDTVRAFARGFGEKLTKKYPDRFTIELSKEKRRGRLFLDYLRNSYGQTG
VAPYGVRARSGAPVATPITWDELDDISGSQEYNIRNIMGRMDKRGDAWKYIDKDRTSIKNL
;
_entity_poly.pdbx_strand_id   A
#
loop_
_chem_comp.id
_chem_comp.type
_chem_comp.name
_chem_comp.formula
EDO non-polymer 1,2-ETHANEDIOL 'C2 H6 O2'
GOL non-polymer GLYCEROL 'C3 H8 O3'
NA non-polymer 'SODIUM ION' 'Na 1'
SO4 non-polymer 'SULFATE ION' 'O4 S -2'
#
# COMPACT_ATOMS: atom_id res chain seq x y z
N GLY A 1 -29.09 6.01 -1.64
CA GLY A 1 -27.63 5.73 -1.43
C GLY A 1 -26.83 6.27 -2.64
N LEU A 2 -27.33 7.36 -3.20
CA LEU A 2 -26.74 8.03 -4.35
C LEU A 2 -26.31 9.42 -3.93
N VAL A 3 -25.26 9.95 -4.60
CA VAL A 3 -25.12 11.42 -4.71
C VAL A 3 -25.32 11.71 -6.23
N PRO A 4 -26.56 12.03 -6.65
CA PRO A 4 -26.73 12.24 -8.10
C PRO A 4 -25.89 13.42 -8.63
N ARG A 5 -25.18 13.15 -9.71
CA ARG A 5 -24.19 14.09 -10.23
C ARG A 5 -24.28 14.14 -11.78
N GLY A 6 -25.41 13.68 -12.28
CA GLY A 6 -25.68 13.74 -13.71
C GLY A 6 -25.10 12.57 -14.48
N SER A 7 -24.64 11.54 -13.77
CA SER A 7 -24.03 10.41 -14.44
C SER A 7 -25.08 9.59 -15.24
N HIS A 8 -24.73 9.03 -16.39
CA HIS A 8 -25.59 7.97 -17.02
C HIS A 8 -25.60 6.71 -16.14
N MET A 9 -26.56 5.83 -16.38
CA MET A 9 -26.65 4.58 -15.63
C MET A 9 -25.35 3.78 -15.73
N THR A 10 -24.75 3.83 -16.90
CA THR A 10 -23.40 3.27 -17.13
C THR A 10 -22.56 4.36 -17.83
N GLU A 11 -21.41 4.76 -17.26
CA GLU A 11 -20.45 5.62 -17.97
C GLU A 11 -19.37 4.72 -18.54
N VAL A 12 -18.95 5.00 -19.77
CA VAL A 12 -17.88 4.21 -20.36
C VAL A 12 -16.65 5.10 -20.43
N LEU A 13 -15.59 4.72 -19.72
CA LEU A 13 -14.32 5.47 -19.87
C LEU A 13 -13.51 4.81 -20.98
N HIS A 14 -12.65 5.55 -21.63
CA HIS A 14 -11.83 4.98 -22.68
C HIS A 14 -10.38 5.23 -22.22
N ILE A 15 -9.71 4.18 -21.72
CA ILE A 15 -8.37 4.32 -21.18
C ILE A 15 -7.48 3.37 -21.93
N GLU A 16 -6.45 3.93 -22.60
CA GLU A 16 -5.43 3.13 -23.28
C GLU A 16 -6.06 2.11 -24.22
N GLY A 17 -7.11 2.56 -24.90
CA GLY A 17 -7.84 1.75 -25.92
C GLY A 17 -8.94 0.83 -25.40
N HIS A 18 -9.04 0.69 -24.08
CA HIS A 18 -10.06 -0.18 -23.48
C HIS A 18 -11.27 0.63 -23.05
N ASP A 19 -12.45 0.12 -23.33
CA ASP A 19 -13.73 0.66 -22.86
C ASP A 19 -14.03 0.05 -21.51
N ILE A 20 -14.12 0.90 -20.51
CA ILE A 20 -14.34 0.44 -19.14
C ILE A 20 -15.69 1.02 -18.71
N LYS A 21 -16.65 0.14 -18.46
CA LYS A 21 -18.01 0.50 -18.08
C LYS A 21 -18.07 0.69 -16.57
N VAL A 22 -18.53 1.86 -16.14
CA VAL A 22 -18.74 2.12 -14.73
C VAL A 22 -20.27 2.19 -14.55
N THR A 23 -20.84 1.13 -14.00
CA THR A 23 -22.32 1.04 -13.78
C THR A 23 -22.64 1.78 -12.49
N ASN A 24 -23.76 2.49 -12.48
CA ASN A 24 -24.25 3.19 -11.24
C ASN A 24 -23.16 4.07 -10.59
N PRO A 25 -22.54 4.96 -11.38
CA PRO A 25 -21.38 5.72 -10.86
C PRO A 25 -21.71 6.62 -9.66
N ASP A 26 -23.00 6.99 -9.48
CA ASP A 26 -23.38 7.90 -8.41
C ASP A 26 -23.71 7.20 -7.09
N LYS A 27 -23.60 5.86 -7.06
CA LYS A 27 -23.68 5.08 -5.82
C LYS A 27 -22.59 5.53 -4.86
N VAL A 28 -23.02 5.88 -3.65
CA VAL A 28 -22.15 6.27 -2.57
C VAL A 28 -21.35 5.08 -2.01
N LEU A 29 -20.02 5.15 -2.01
CA LEU A 29 -19.20 4.13 -1.28
C LEU A 29 -18.72 4.56 0.11
N PHE A 30 -18.72 5.88 0.39
CA PHE A 30 -18.24 6.42 1.68
C PHE A 30 -19.40 7.25 2.21
N PRO A 31 -20.20 6.66 3.12
CA PRO A 31 -21.51 7.29 3.43
C PRO A 31 -21.39 8.61 4.16
N GLU A 32 -20.35 8.77 4.95
CA GLU A 32 -20.20 10.06 5.67
C GLU A 32 -19.67 11.14 4.80
N ASP A 33 -19.16 10.78 3.62
CA ASP A 33 -18.45 11.74 2.73
C ASP A 33 -19.20 12.01 1.44
N GLY A 34 -20.14 11.15 1.05
CA GLY A 34 -20.83 11.31 -0.27
C GLY A 34 -19.81 11.11 -1.41
N ILE A 35 -18.82 10.23 -1.16
CA ILE A 35 -17.87 9.86 -2.20
C ILE A 35 -18.46 8.65 -2.91
N THR A 36 -18.66 8.83 -4.23
CA THR A 36 -19.39 7.86 -5.03
C THR A 36 -18.38 6.92 -5.72
N LYS A 37 -18.90 5.83 -6.31
CA LYS A 37 -18.13 4.90 -7.11
C LYS A 37 -17.34 5.62 -8.20
N GLY A 38 -18.04 6.51 -8.94
CA GLY A 38 -17.44 7.31 -9.99
C GLY A 38 -16.30 8.19 -9.48
N GLU A 39 -16.50 8.79 -8.30
CA GLU A 39 -15.46 9.68 -7.75
C GLU A 39 -14.19 8.84 -7.35
N LEU A 40 -14.42 7.64 -6.81
CA LEU A 40 -13.31 6.67 -6.54
C LEU A 40 -12.56 6.25 -7.81
N VAL A 41 -13.30 5.86 -8.84
CA VAL A 41 -12.67 5.56 -10.14
C VAL A 41 -11.89 6.75 -10.70
N ASP A 42 -12.48 7.96 -10.57
CA ASP A 42 -11.78 9.18 -11.08
C ASP A 42 -10.49 9.43 -10.28
N TYR A 43 -10.54 9.23 -8.96
CA TYR A 43 -9.33 9.33 -8.16
C TYR A 43 -8.23 8.37 -8.72
N TYR A 44 -8.57 7.09 -8.89
CA TYR A 44 -7.58 6.13 -9.41
C TYR A 44 -7.12 6.46 -10.84
N ARG A 45 -8.04 6.98 -11.67
CA ARG A 45 -7.61 7.48 -12.99
C ARG A 45 -6.54 8.61 -12.92
N ARG A 46 -6.77 9.67 -12.15
N ARG A 46 -6.84 9.64 -12.12
CA ARG A 46 -5.77 10.75 -12.13
CA ARG A 46 -5.96 10.82 -11.91
C ARG A 46 -4.51 10.36 -11.36
C ARG A 46 -4.61 10.42 -11.30
N ILE A 47 -4.66 9.49 -10.36
CA ILE A 47 -3.45 9.10 -9.62
C ILE A 47 -2.63 8.06 -10.38
N SER A 48 -3.20 7.46 -11.43
CA SER A 48 -2.53 6.35 -12.11
C SER A 48 -1.06 6.63 -12.55
N GLY A 49 -0.78 7.84 -13.02
CA GLY A 49 0.58 8.27 -13.53
C GLY A 49 1.65 8.00 -12.48
N VAL A 50 1.32 8.28 -11.21
CA VAL A 50 2.29 8.00 -10.14
C VAL A 50 2.14 6.62 -9.47
N MET A 51 0.91 6.07 -9.48
CA MET A 51 0.73 4.81 -8.80
C MET A 51 1.16 3.58 -9.66
N VAL A 52 0.78 3.55 -10.94
CA VAL A 52 1.14 2.43 -11.82
C VAL A 52 2.61 1.96 -11.66
N PRO A 53 3.61 2.91 -11.73
CA PRO A 53 5.01 2.41 -11.60
C PRO A 53 5.27 1.69 -10.31
N LEU A 54 4.54 2.04 -9.25
CA LEU A 54 4.72 1.50 -7.90
C LEU A 54 3.97 0.16 -7.65
N VAL A 55 3.01 -0.19 -8.49
CA VAL A 55 2.30 -1.46 -8.34
C VAL A 55 2.55 -2.44 -9.52
N ARG A 56 3.08 -1.95 -10.65
CA ARG A 56 3.31 -2.84 -11.80
C ARG A 56 4.20 -4.04 -11.47
N GLY A 57 3.77 -5.19 -11.93
CA GLY A 57 4.47 -6.44 -11.73
C GLY A 57 4.09 -7.16 -10.45
N ARG A 58 3.30 -6.52 -9.58
CA ARG A 58 3.08 -7.10 -8.22
C ARG A 58 1.77 -7.85 -8.19
N PRO A 59 1.81 -9.16 -7.81
CA PRO A 59 0.53 -9.82 -7.44
C PRO A 59 -0.25 -8.94 -6.45
N MET A 60 -1.53 -8.70 -6.77
CA MET A 60 -2.36 -7.75 -6.04
C MET A 60 -3.58 -8.45 -5.46
N THR A 61 -3.81 -8.22 -4.16
CA THR A 61 -5.00 -8.75 -3.47
C THR A 61 -5.98 -7.58 -3.39
N MET A 62 -7.28 -7.82 -3.65
CA MET A 62 -8.27 -6.73 -3.79
C MET A 62 -9.13 -6.73 -2.57
N GLN A 63 -9.39 -5.56 -1.99
CA GLN A 63 -10.37 -5.47 -0.91
C GLN A 63 -11.55 -4.70 -1.53
N ARG A 64 -12.63 -5.42 -1.79
CA ARG A 64 -13.74 -4.90 -2.58
C ARG A 64 -14.94 -4.66 -1.70
N PHE A 65 -15.62 -3.56 -1.97
CA PHE A 65 -16.78 -3.12 -1.20
C PHE A 65 -17.92 -2.71 -2.18
N PRO A 66 -18.62 -3.70 -2.72
CA PRO A 66 -19.68 -3.39 -3.71
C PRO A 66 -20.82 -2.54 -3.08
N ASP A 67 -21.04 -2.63 -1.78
CA ASP A 67 -22.02 -1.73 -1.13
C ASP A 67 -21.44 -0.63 -0.27
N GLY A 68 -20.18 -0.25 -0.51
CA GLY A 68 -19.53 0.80 0.29
C GLY A 68 -18.98 0.34 1.65
N ILE A 69 -18.28 1.25 2.35
CA ILE A 69 -17.50 0.85 3.51
C ILE A 69 -18.36 0.74 4.74
N GLY A 70 -19.59 1.19 4.68
CA GLY A 70 -20.53 0.99 5.81
C GLY A 70 -21.15 -0.41 5.81
N LYS A 71 -20.82 -1.24 4.81
CA LYS A 71 -21.34 -2.63 4.73
C LYS A 71 -20.17 -3.58 4.55
N GLU A 72 -20.44 -4.87 4.70
CA GLU A 72 -19.39 -5.83 4.58
C GLU A 72 -18.75 -5.78 3.17
N GLY A 73 -17.42 -5.88 3.17
CA GLY A 73 -16.62 -6.02 1.92
C GLY A 73 -15.81 -7.30 2.05
N PHE A 74 -14.90 -7.55 1.12
CA PHE A 74 -14.21 -8.83 1.12
C PHE A 74 -12.80 -8.73 0.56
N PHE A 75 -11.91 -9.62 1.00
CA PHE A 75 -10.58 -9.75 0.37
C PHE A 75 -10.73 -10.76 -0.78
N GLN A 76 -10.00 -10.53 -1.86
CA GLN A 76 -10.04 -11.43 -3.01
C GLN A 76 -8.63 -11.55 -3.57
N LYS A 77 -8.13 -12.76 -3.57
CA LYS A 77 -6.83 -13.05 -4.16
C LYS A 77 -7.00 -13.71 -5.54
N GLU A 78 -7.93 -14.64 -5.68
CA GLU A 78 -8.15 -15.27 -6.99
C GLU A 78 -8.84 -14.27 -7.93
N ALA A 79 -8.19 -13.87 -9.03
CA ALA A 79 -8.79 -12.99 -10.02
C ALA A 79 -10.17 -13.49 -10.45
N SER A 80 -11.08 -12.55 -10.71
CA SER A 80 -12.42 -12.90 -11.16
C SER A 80 -12.33 -13.47 -12.58
N ASP A 81 -13.02 -14.58 -12.83
CA ASP A 81 -13.16 -15.15 -14.19
C ASP A 81 -13.64 -14.14 -15.20
N TYR A 82 -14.46 -13.17 -14.75
CA TYR A 82 -15.02 -12.14 -15.66
C TYR A 82 -14.13 -10.91 -15.90
N PHE A 83 -13.02 -10.78 -15.21
CA PHE A 83 -12.07 -9.70 -15.57
C PHE A 83 -11.61 -9.90 -17.02
N PRO A 84 -11.56 -8.82 -17.87
CA PRO A 84 -11.10 -8.96 -19.25
C PRO A 84 -9.71 -9.53 -19.30
N ASP A 85 -9.39 -10.19 -20.40
CA ASP A 85 -8.11 -10.85 -20.57
C ASP A 85 -6.94 -9.88 -20.57
N TRP A 86 -7.16 -8.60 -20.86
CA TRP A 86 -6.04 -7.64 -20.78
C TRP A 86 -5.64 -7.25 -19.33
N VAL A 87 -6.43 -7.63 -18.33
CA VAL A 87 -6.03 -7.52 -16.92
C VAL A 87 -5.06 -8.69 -16.67
N HIS A 88 -3.78 -8.38 -16.46
CA HIS A 88 -2.79 -9.44 -16.30
C HIS A 88 -3.06 -10.28 -15.04
N ARG A 89 -2.84 -11.58 -15.14
CA ARG A 89 -2.83 -12.45 -13.95
C ARG A 89 -1.46 -13.04 -13.76
N ALA A 90 -1.08 -13.21 -12.51
CA ALA A 90 0.13 -13.95 -12.11
C ALA A 90 -0.29 -15.36 -11.63
N THR A 91 0.41 -16.36 -12.13
CA THR A 91 0.22 -17.74 -11.70
C THR A 91 1.14 -18.09 -10.52
N LEU A 92 0.54 -18.41 -9.40
CA LEU A 92 1.32 -18.60 -8.17
C LEU A 92 1.09 -20.02 -7.64
N GLU A 93 2.15 -20.68 -7.19
CA GLU A 93 2.04 -22.00 -6.58
C GLU A 93 1.85 -21.79 -5.10
N LEU A 94 0.70 -22.27 -4.61
CA LEU A 94 0.34 -22.29 -3.19
C LEU A 94 1.18 -23.36 -2.43
N GLY A 95 1.78 -22.99 -1.28
CA GLY A 95 2.52 -23.96 -0.42
C GLY A 95 1.67 -25.18 -0.09
N LYS A 96 0.36 -24.93 0.03
CA LYS A 96 -0.68 -25.96 0.11
C LYS A 96 -0.45 -27.12 -0.90
N GLY A 97 -0.08 -26.73 -2.12
CA GLY A 97 -0.34 -27.53 -3.33
C GLY A 97 -1.34 -26.77 -4.22
N GLY A 98 -1.17 -26.91 -5.53
CA GLY A 98 -2.07 -26.24 -6.48
C GLY A 98 -1.63 -24.80 -6.75
N ILE A 99 -2.47 -24.09 -7.50
CA ILE A 99 -2.10 -22.80 -8.07
C ILE A 99 -3.14 -21.72 -7.78
N GLN A 100 -2.71 -20.47 -7.70
CA GLN A 100 -3.64 -19.34 -7.56
C GLN A 100 -3.38 -18.31 -8.68
N HIS A 101 -4.41 -17.69 -9.25
CA HIS A 101 -4.13 -16.67 -10.25
C HIS A 101 -4.51 -15.30 -9.65
N GLN A 102 -3.51 -14.47 -9.29
CA GLN A 102 -3.82 -13.10 -8.77
C GLN A 102 -3.70 -12.05 -9.87
N VAL A 103 -4.47 -10.97 -9.76
CA VAL A 103 -4.32 -9.81 -10.61
C VAL A 103 -2.93 -9.25 -10.47
N VAL A 104 -2.43 -8.66 -11.56
CA VAL A 104 -1.22 -7.82 -11.52
C VAL A 104 -1.66 -6.54 -12.19
N CYS A 105 -1.42 -5.39 -11.54
CA CYS A 105 -1.96 -4.17 -12.08
C CYS A 105 -0.86 -3.49 -12.87
N ASP A 106 -0.82 -3.76 -14.18
CA ASP A 106 0.34 -3.33 -14.94
C ASP A 106 0.16 -2.00 -15.68
N ASP A 107 -1.03 -1.41 -15.58
CA ASP A 107 -1.25 -0.18 -16.35
C ASP A 107 -2.43 0.59 -15.81
N ALA A 108 -2.64 1.78 -16.33
CA ALA A 108 -3.75 2.64 -15.82
C ALA A 108 -5.14 2.06 -16.11
N ALA A 109 -5.33 1.46 -17.31
CA ALA A 109 -6.60 0.80 -17.62
C ALA A 109 -6.98 -0.23 -16.56
N THR A 110 -6.02 -1.06 -16.16
CA THR A 110 -6.26 -2.10 -15.19
C THR A 110 -6.63 -1.45 -13.89
N LEU A 111 -5.84 -0.48 -13.43
CA LEU A 111 -6.15 0.18 -12.16
C LEU A 111 -7.59 0.74 -12.16
N VAL A 112 -7.92 1.51 -13.20
CA VAL A 112 -9.28 2.10 -13.31
C VAL A 112 -10.35 0.99 -13.35
N TYR A 113 -10.14 -0.03 -14.20
CA TYR A 113 -11.13 -1.16 -14.22
C TYR A 113 -11.36 -1.79 -12.81
N LEU A 114 -10.28 -2.05 -12.06
CA LEU A 114 -10.42 -2.66 -10.69
C LEU A 114 -11.22 -1.73 -9.76
N ALA A 115 -10.94 -0.42 -9.83
CA ALA A 115 -11.79 0.58 -9.08
C ALA A 115 -13.28 0.46 -9.50
N SER A 116 -13.53 0.29 -10.80
CA SER A 116 -14.95 0.21 -11.31
C SER A 116 -15.61 -1.07 -10.81
N GLN A 117 -14.78 -2.04 -10.46
CA GLN A 117 -15.25 -3.32 -9.86
C GLN A 117 -15.31 -3.24 -8.32
N ALA A 118 -15.28 -2.03 -7.79
CA ALA A 118 -15.47 -1.74 -6.32
C ALA A 118 -14.26 -2.14 -5.48
N MET A 119 -13.10 -2.39 -6.13
CA MET A 119 -11.86 -2.37 -5.34
C MET A 119 -11.62 -0.98 -4.68
N ILE A 120 -11.69 -0.95 -3.37
CA ILE A 120 -11.23 0.24 -2.63
C ILE A 120 -9.73 0.21 -2.36
N THR A 121 -9.25 -0.86 -1.72
CA THR A 121 -7.84 -0.94 -1.31
C THR A 121 -7.11 -2.08 -2.03
N PRO A 122 -5.99 -1.74 -2.68
CA PRO A 122 -5.13 -2.77 -3.26
C PRO A 122 -4.04 -3.12 -2.28
N HIS A 123 -3.72 -4.40 -2.22
CA HIS A 123 -2.65 -4.83 -1.34
C HIS A 123 -1.67 -5.60 -2.25
N VAL A 124 -0.39 -5.25 -2.21
CA VAL A 124 0.52 -5.84 -3.19
C VAL A 124 1.69 -6.55 -2.51
N PHE A 125 2.24 -7.55 -3.22
CA PHE A 125 3.50 -8.18 -2.78
C PHE A 125 4.64 -7.16 -2.77
N LEU A 126 5.65 -7.46 -1.96
CA LEU A 126 6.93 -6.77 -1.90
C LEU A 126 7.88 -7.21 -3.00
N SER A 127 7.41 -8.03 -3.93
CA SER A 127 8.21 -8.53 -5.05
C SER A 127 7.34 -8.42 -6.31
N ARG A 128 8.00 -8.56 -7.46
CA ARG A 128 7.35 -8.63 -8.76
C ARG A 128 7.39 -10.04 -9.37
N ILE A 129 6.41 -10.35 -10.20
CA ILE A 129 6.16 -11.72 -10.65
C ILE A 129 7.31 -12.35 -11.50
N ASP A 130 8.15 -11.54 -12.12
CA ASP A 130 9.24 -12.10 -12.91
C ASP A 130 10.37 -12.65 -12.03
N LYS A 131 10.35 -12.31 -10.74
CA LYS A 131 11.34 -12.86 -9.80
C LYS A 131 10.65 -12.81 -8.41
N VAL A 132 9.63 -13.65 -8.26
CA VAL A 132 8.60 -13.47 -7.21
C VAL A 132 9.12 -13.76 -5.78
N HIS A 133 10.25 -14.47 -5.64
CA HIS A 133 10.85 -14.69 -4.28
C HIS A 133 11.96 -13.69 -3.92
N TYR A 134 12.16 -12.68 -4.75
CA TYR A 134 13.29 -11.73 -4.65
C TYR A 134 12.73 -10.30 -4.55
N PRO A 135 12.53 -9.81 -3.30
CA PRO A 135 11.82 -8.51 -3.16
C PRO A 135 12.59 -7.32 -3.69
N ASP A 136 11.87 -6.30 -4.16
CA ASP A 136 12.52 -5.01 -4.40
C ASP A 136 12.13 -3.98 -3.29
N ARG A 137 11.52 -4.43 -2.21
CA ARG A 137 11.16 -3.55 -1.08
C ARG A 137 11.45 -4.35 0.22
N LEU A 138 12.05 -3.69 1.19
CA LEU A 138 12.12 -4.15 2.57
C LEU A 138 11.18 -3.22 3.35
N ILE A 139 10.18 -3.79 4.06
CA ILE A 139 9.25 -2.92 4.80
C ILE A 139 9.35 -3.13 6.30
N PHE A 140 9.43 -2.04 7.07
CA PHE A 140 9.09 -2.11 8.49
C PHE A 140 7.74 -1.44 8.64
N ASP A 141 6.79 -2.20 9.18
CA ASP A 141 5.38 -1.81 9.25
C ASP A 141 5.09 -1.33 10.68
N LEU A 142 4.89 -0.02 10.85
CA LEU A 142 4.87 0.51 12.22
C LEU A 142 3.46 0.95 12.60
N ASP A 143 2.93 0.40 13.68
N ASP A 143 2.96 0.44 13.73
CA ASP A 143 1.68 0.91 14.19
CA ASP A 143 1.58 0.70 14.20
C ASP A 143 1.92 1.28 15.63
C ASP A 143 1.66 1.09 15.71
N PRO A 144 1.19 2.32 16.12
CA PRO A 144 1.46 2.77 17.50
C PRO A 144 0.58 1.95 18.47
N PRO A 145 1.15 1.38 19.55
CA PRO A 145 0.34 0.57 20.50
C PRO A 145 -0.68 1.43 21.26
N ASP A 146 -0.47 2.75 21.26
CA ASP A 146 -1.34 3.71 21.96
C ASP A 146 -2.21 4.51 20.98
N ASN A 147 -2.21 4.15 19.69
CA ASN A 147 -3.04 4.92 18.76
C ASN A 147 -2.71 6.44 18.80
N ASN A 148 -1.43 6.77 18.98
CA ASN A 148 -1.05 8.17 18.97
C ASN A 148 -0.03 8.28 17.82
N PHE A 149 -0.28 9.15 16.87
CA PHE A 149 0.64 9.28 15.75
C PHE A 149 2.08 9.62 16.14
N GLU A 150 2.26 10.47 17.16
CA GLU A 150 3.63 10.88 17.51
C GLU A 150 4.45 9.64 17.88
N THR A 151 3.81 8.61 18.43
CA THR A 151 4.52 7.37 18.78
C THR A 151 5.14 6.68 17.58
N VAL A 152 4.39 6.62 16.49
CA VAL A 152 4.90 5.96 15.29
C VAL A 152 5.83 6.90 14.53
N ARG A 153 5.55 8.20 14.58
CA ARG A 153 6.40 9.22 13.94
C ARG A 153 7.80 9.19 14.57
N SER A 154 7.92 9.22 15.89
CA SER A 154 9.25 9.20 16.52
C SER A 154 9.97 7.87 16.25
N ALA A 155 9.24 6.76 16.25
CA ALA A 155 9.88 5.44 15.95
C ALA A 155 10.38 5.45 14.52
N ALA A 156 9.56 5.96 13.59
CA ALA A 156 9.98 6.02 12.18
C ALA A 156 11.29 6.82 11.98
N LYS A 157 11.43 7.98 12.65
CA LYS A 157 12.63 8.78 12.59
C LYS A 157 13.87 8.06 13.15
N THR A 158 13.72 7.38 14.28
CA THR A 158 14.84 6.66 14.86
C THR A 158 15.26 5.50 13.98
N ILE A 159 14.26 4.79 13.41
CA ILE A 159 14.59 3.68 12.59
C ILE A 159 15.30 4.15 11.32
N ARG A 160 14.80 5.23 10.76
CA ARG A 160 15.44 5.83 9.62
C ARG A 160 16.90 6.21 9.89
N GLU A 161 17.16 6.88 11.02
CA GLU A 161 18.52 7.23 11.37
C GLU A 161 19.40 6.00 11.53
N ALA A 162 18.87 4.94 12.17
CA ALA A 162 19.63 3.66 12.32
C ALA A 162 19.96 3.03 10.96
N LEU A 163 19.01 3.03 10.03
CA LEU A 163 19.32 2.48 8.69
C LEU A 163 20.27 3.45 7.87
N ASP A 164 20.00 4.76 7.99
CA ASP A 164 20.81 5.76 7.28
C ASP A 164 22.29 5.64 7.79
N ALA A 165 22.47 5.44 9.11
CA ALA A 165 23.81 5.25 9.73
C ALA A 165 24.61 4.03 9.18
N GLU A 166 23.89 3.01 8.69
CA GLU A 166 24.50 1.84 8.07
C GLU A 166 24.73 2.02 6.56
N GLY A 167 24.35 3.18 6.00
CA GLY A 167 24.51 3.39 4.57
C GLY A 167 23.29 3.12 3.66
N TYR A 168 22.10 2.83 4.23
CA TYR A 168 20.91 2.52 3.37
C TYR A 168 20.11 3.77 2.94
N PRO A 169 19.46 3.74 1.76
CA PRO A 169 18.44 4.74 1.39
C PRO A 169 17.14 4.36 2.13
N VAL A 170 16.42 5.35 2.68
CA VAL A 170 15.21 5.07 3.45
C VAL A 170 14.06 5.93 2.96
N TYR A 171 12.97 5.25 2.63
CA TYR A 171 11.76 5.88 2.12
C TYR A 171 10.62 5.68 3.09
N LEU A 172 9.52 6.36 2.85
CA LEU A 172 8.48 6.48 3.84
C LEU A 172 7.12 6.68 3.16
N MET A 173 6.07 6.08 3.76
CA MET A 173 4.71 6.34 3.31
C MET A 173 3.76 6.16 4.48
N THR A 174 2.68 6.95 4.47
CA THR A 174 1.66 6.69 5.42
C THR A 174 0.86 5.47 4.91
N THR A 175 0.12 4.84 5.83
CA THR A 175 -0.73 3.72 5.45
C THR A 175 -2.18 4.14 5.27
N GLY A 176 -2.51 5.41 5.59
CA GLY A 176 -3.89 5.93 5.48
C GLY A 176 -4.81 5.39 6.60
N SER A 177 -4.20 4.82 7.64
N SER A 177 -4.21 4.91 7.68
CA SER A 177 -4.95 4.25 8.77
CA SER A 177 -4.99 4.36 8.81
C SER A 177 -4.40 4.77 10.10
C SER A 177 -4.39 4.83 10.13
N ARG A 178 -3.48 4.05 10.71
CA ARG A 178 -2.86 4.45 11.95
C ARG A 178 -1.34 4.48 11.88
N GLY A 179 -0.76 4.04 10.78
CA GLY A 179 0.68 3.69 10.80
C GLY A 179 1.51 4.31 9.68
N LEU A 180 2.74 3.82 9.60
CA LEU A 180 3.72 4.28 8.59
C LEU A 180 4.44 2.99 8.17
N HIS A 181 4.86 2.96 6.94
CA HIS A 181 5.82 1.99 6.49
C HIS A 181 7.19 2.73 6.27
N VAL A 182 8.24 2.15 6.85
CA VAL A 182 9.54 2.57 6.53
C VAL A 182 10.10 1.53 5.53
N VAL A 183 10.61 2.01 4.41
CA VAL A 183 10.82 1.14 3.25
C VAL A 183 12.27 1.38 2.70
N VAL A 184 12.99 0.28 2.47
CA VAL A 184 14.28 0.32 1.78
C VAL A 184 14.13 -0.36 0.42
N PRO A 185 14.41 0.38 -0.70
CA PRO A 185 14.26 -0.30 -1.98
C PRO A 185 15.44 -1.24 -2.21
N LEU A 186 15.16 -2.41 -2.82
CA LEU A 186 16.19 -3.43 -2.98
C LEU A 186 16.37 -3.89 -4.42
N ASP A 187 17.57 -4.38 -4.72
CA ASP A 187 17.95 -4.65 -6.14
C ASP A 187 17.62 -6.06 -6.55
N ARG A 188 16.87 -6.77 -5.69
CA ARG A 188 16.38 -8.12 -6.01
C ARG A 188 17.48 -9.21 -6.07
N SER A 189 18.68 -8.91 -5.56
CA SER A 189 19.69 -9.93 -5.59
C SER A 189 19.50 -10.90 -4.37
N ALA A 190 18.85 -10.45 -3.27
CA ALA A 190 18.64 -11.35 -2.14
C ALA A 190 17.19 -11.84 -2.17
N ASP A 191 16.98 -13.10 -1.77
CA ASP A 191 15.61 -13.65 -1.63
C ASP A 191 14.93 -13.18 -0.34
N PHE A 192 13.65 -13.50 -0.15
CA PHE A 192 12.95 -13.05 1.02
C PHE A 192 13.60 -13.54 2.30
N ASP A 193 14.06 -14.80 2.35
CA ASP A 193 14.64 -15.31 3.63
C ASP A 193 15.84 -14.45 4.07
N THR A 194 16.67 -14.05 3.11
CA THR A 194 17.85 -13.24 3.42
C THR A 194 17.40 -11.83 3.93
N VAL A 195 16.45 -11.23 3.20
CA VAL A 195 15.98 -9.87 3.55
C VAL A 195 15.34 -9.96 4.92
N ARG A 196 14.49 -10.95 5.13
CA ARG A 196 13.76 -11.03 6.42
C ARG A 196 14.73 -11.30 7.58
N ALA A 197 15.77 -12.13 7.37
CA ALA A 197 16.73 -12.33 8.47
C ALA A 197 17.39 -11.00 8.83
N PHE A 198 17.69 -10.19 7.82
CA PHE A 198 18.31 -8.90 8.02
C PHE A 198 17.39 -8.03 8.84
N ALA A 199 16.12 -7.97 8.42
CA ALA A 199 15.09 -7.13 9.06
C ALA A 199 14.89 -7.49 10.50
N ARG A 200 14.79 -8.79 10.78
CA ARG A 200 14.66 -9.27 12.18
C ARG A 200 15.91 -8.95 13.02
N GLY A 201 17.09 -9.22 12.48
CA GLY A 201 18.33 -8.93 13.20
C GLY A 201 18.48 -7.43 13.46
N PHE A 202 18.10 -6.62 12.48
CA PHE A 202 18.11 -5.15 12.66
C PHE A 202 17.16 -4.71 13.78
N GLY A 203 15.95 -5.27 13.77
CA GLY A 203 14.95 -5.00 14.82
C GLY A 203 15.48 -5.47 16.15
N GLU A 204 16.17 -6.60 16.15
CA GLU A 204 16.70 -7.08 17.42
C GLU A 204 17.75 -6.13 17.98
N LYS A 205 18.68 -5.64 17.14
CA LYS A 205 19.67 -4.65 17.55
C LYS A 205 19.06 -3.35 18.08
N LEU A 206 18.10 -2.83 17.31
CA LEU A 206 17.36 -1.64 17.71
C LEU A 206 16.62 -1.78 19.02
N THR A 207 15.98 -2.94 19.24
CA THR A 207 15.39 -3.29 20.53
C THR A 207 16.41 -3.29 21.68
N LYS A 208 17.54 -3.96 21.48
CA LYS A 208 18.56 -3.95 22.55
C LYS A 208 19.02 -2.54 22.84
N LYS A 209 19.12 -1.68 21.82
CA LYS A 209 19.53 -0.28 22.08
C LYS A 209 18.46 0.52 22.83
N TYR A 210 17.18 0.26 22.52
CA TYR A 210 16.03 0.98 23.14
C TYR A 210 15.02 0.01 23.72
N PRO A 211 15.42 -0.74 24.79
CA PRO A 211 14.63 -1.86 25.24
C PRO A 211 13.28 -1.47 25.91
N ASP A 212 13.10 -0.23 26.33
CA ASP A 212 11.81 0.17 26.94
C ASP A 212 10.88 0.80 25.89
N ARG A 213 11.35 0.87 24.65
CA ARG A 213 10.67 1.58 23.58
C ARG A 213 10.18 0.66 22.43
N PHE A 214 11.06 -0.26 21.99
CA PHE A 214 10.78 -1.16 20.87
C PHE A 214 10.79 -2.64 21.31
N THR A 215 10.17 -3.48 20.50
CA THR A 215 10.08 -4.88 20.77
C THR A 215 9.97 -5.58 19.43
N ILE A 216 10.55 -6.78 19.37
CA ILE A 216 10.17 -7.72 18.31
C ILE A 216 9.45 -8.95 18.90
N GLU A 217 8.92 -8.82 20.11
CA GLU A 217 8.11 -9.92 20.63
C GLU A 217 6.91 -10.14 19.72
N LEU A 218 6.77 -11.39 19.27
CA LEU A 218 5.66 -11.83 18.40
C LEU A 218 4.36 -11.89 19.18
N SER A 219 4.40 -12.13 20.49
CA SER A 219 3.12 -12.15 21.18
C SER A 219 2.78 -10.78 21.76
N LYS A 220 1.57 -10.34 21.44
CA LYS A 220 1.08 -9.01 21.76
C LYS A 220 1.15 -8.67 23.24
N GLU A 221 0.84 -9.62 24.14
CA GLU A 221 0.96 -9.43 25.59
C GLU A 221 2.41 -9.23 26.10
N LYS A 222 3.37 -9.97 25.54
CA LYS A 222 4.78 -9.75 25.89
C LYS A 222 5.33 -8.37 25.51
N ARG A 223 4.68 -7.69 24.55
CA ARG A 223 5.17 -6.38 24.08
C ARG A 223 5.14 -5.31 25.15
N ARG A 224 4.13 -5.40 26.03
CA ARG A 224 3.93 -4.47 27.15
C ARG A 224 3.97 -3.00 26.69
N GLY A 225 3.19 -2.70 25.64
CA GLY A 225 3.05 -1.35 25.14
C GLY A 225 4.21 -0.80 24.31
N ARG A 226 5.29 -1.58 24.15
CA ARG A 226 6.41 -1.18 23.31
C ARG A 226 6.00 -1.34 21.83
N LEU A 227 6.55 -0.46 20.98
CA LEU A 227 6.18 -0.49 19.55
C LEU A 227 6.87 -1.67 18.85
N PHE A 228 6.07 -2.48 18.14
CA PHE A 228 6.58 -3.66 17.49
C PHE A 228 7.29 -3.27 16.20
N LEU A 229 8.54 -3.69 16.08
CA LEU A 229 9.30 -3.46 14.85
C LEU A 229 8.96 -4.56 13.87
N ASP A 230 7.79 -4.39 13.26
CA ASP A 230 7.14 -5.47 12.50
C ASP A 230 7.88 -5.67 11.17
N TYR A 231 8.65 -6.76 11.11
CA TYR A 231 9.43 -7.16 9.89
C TYR A 231 8.69 -8.28 9.09
N LEU A 232 7.47 -8.62 9.52
CA LEU A 232 6.79 -9.83 9.02
C LEU A 232 6.18 -9.70 7.58
N ARG A 233 6.09 -8.48 7.03
CA ARG A 233 5.65 -8.33 5.61
C ARG A 233 6.73 -8.84 4.63
N ASN A 234 7.98 -8.97 5.12
CA ASN A 234 9.12 -9.44 4.31
C ASN A 234 9.10 -10.97 4.13
N SER A 235 7.97 -11.48 3.65
CA SER A 235 7.85 -12.91 3.23
C SER A 235 7.11 -13.03 1.93
N TYR A 236 7.43 -14.11 1.24
CA TYR A 236 6.69 -14.50 0.06
C TYR A 236 5.19 -14.59 0.37
N GLY A 237 4.38 -13.98 -0.48
CA GLY A 237 2.94 -14.10 -0.24
C GLY A 237 2.36 -13.01 0.66
N GLN A 238 3.18 -12.34 1.46
CA GLN A 238 2.67 -11.20 2.26
C GLN A 238 2.33 -10.00 1.38
N THR A 239 1.38 -9.19 1.82
CA THR A 239 1.09 -7.93 1.13
C THR A 239 1.26 -6.73 2.08
N GLY A 240 1.34 -5.54 1.47
CA GLY A 240 1.25 -4.29 2.19
C GLY A 240 0.29 -3.43 1.38
N VAL A 241 -0.39 -2.49 2.03
CA VAL A 241 -1.26 -1.58 1.25
C VAL A 241 -0.45 -0.90 0.13
N ALA A 242 -1.00 -0.87 -1.07
CA ALA A 242 -0.29 -0.21 -2.20
C ALA A 242 -0.09 1.29 -1.96
N PRO A 243 1.08 1.82 -2.39
CA PRO A 243 1.29 3.29 -2.40
C PRO A 243 0.18 3.91 -3.25
N TYR A 244 -0.46 4.95 -2.69
CA TYR A 244 -1.62 5.64 -3.35
C TYR A 244 -2.94 4.88 -3.29
N GLY A 245 -2.92 3.73 -2.61
CA GLY A 245 -4.15 2.97 -2.33
C GLY A 245 -5.07 3.70 -1.34
N VAL A 246 -6.38 3.64 -1.61
CA VAL A 246 -7.41 4.21 -0.74
C VAL A 246 -7.72 3.25 0.40
N ARG A 247 -7.85 3.74 1.65
CA ARG A 247 -8.33 2.88 2.75
C ARG A 247 -9.84 2.94 2.94
N ALA A 248 -10.40 1.81 3.42
CA ALA A 248 -11.86 1.72 3.64
C ALA A 248 -12.20 2.35 4.99
N ARG A 249 -12.04 3.68 5.08
CA ARG A 249 -12.25 4.43 6.30
C ARG A 249 -12.99 5.69 5.87
N SER A 250 -13.75 6.27 6.81
CA SER A 250 -14.40 7.52 6.45
C SER A 250 -13.37 8.57 6.06
N GLY A 251 -13.76 9.36 5.07
CA GLY A 251 -12.87 10.39 4.50
C GLY A 251 -12.08 9.90 3.30
N ALA A 252 -12.14 8.58 3.02
CA ALA A 252 -11.30 7.97 1.95
C ALA A 252 -9.78 8.36 2.05
N PRO A 253 -9.15 8.06 3.20
CA PRO A 253 -7.70 8.39 3.33
C PRO A 253 -6.83 7.54 2.36
N VAL A 254 -5.66 8.07 2.00
CA VAL A 254 -4.82 7.40 1.00
C VAL A 254 -3.49 7.09 1.66
N ALA A 255 -3.01 5.88 1.44
CA ALA A 255 -1.66 5.46 1.85
C ALA A 255 -0.68 6.19 0.94
N THR A 256 -0.05 7.24 1.47
CA THR A 256 0.65 8.22 0.59
C THR A 256 2.15 8.20 0.85
N PRO A 257 2.98 8.06 -0.22
CA PRO A 257 4.41 8.32 -0.11
C PRO A 257 4.64 9.79 0.30
N ILE A 258 5.50 9.98 1.31
CA ILE A 258 5.76 11.31 1.87
C ILE A 258 7.31 11.44 2.08
N THR A 259 7.80 12.70 2.13
CA THR A 259 9.22 12.88 2.37
C THR A 259 9.44 12.83 3.88
N TRP A 260 10.66 12.64 4.32
CA TRP A 260 10.92 12.69 5.79
C TRP A 260 10.61 14.06 6.45
N ASP A 261 10.87 15.17 5.74
CA ASP A 261 10.53 16.48 6.28
C ASP A 261 9.01 16.65 6.38
N GLU A 262 8.31 16.14 5.37
CA GLU A 262 6.86 16.24 5.33
C GLU A 262 6.21 15.50 6.52
N LEU A 263 6.91 14.45 7.03
CA LEU A 263 6.43 13.71 8.21
C LEU A 263 6.19 14.68 9.41
N ASP A 264 6.98 15.71 9.52
CA ASP A 264 6.72 16.67 10.59
C ASP A 264 5.58 17.69 10.25
N ASP A 265 5.25 17.87 8.97
CA ASP A 265 4.19 18.79 8.57
C ASP A 265 2.79 18.17 8.77
N ILE A 266 2.69 16.85 8.78
CA ILE A 266 1.39 16.21 8.89
C ILE A 266 1.03 15.87 10.32
N SER A 267 -0.25 15.61 10.51
CA SER A 267 -0.88 15.32 11.81
C SER A 267 -1.22 13.87 12.03
N GLY A 268 -1.19 13.05 11.00
CA GLY A 268 -1.59 11.68 11.25
C GLY A 268 -1.51 10.90 9.95
N SER A 269 -1.71 9.59 10.07
CA SER A 269 -1.57 8.63 8.96
C SER A 269 -2.65 8.90 7.88
N GLN A 270 -3.77 9.52 8.32
CA GLN A 270 -4.86 9.86 7.37
C GLN A 270 -4.85 11.31 6.86
N GLU A 271 -3.64 11.91 6.77
CA GLU A 271 -3.51 13.31 6.45
C GLU A 271 -4.11 13.54 5.05
N TYR A 272 -3.73 12.65 4.11
CA TYR A 272 -4.17 12.78 2.70
C TYR A 272 -5.32 11.86 2.35
N ASN A 273 -6.24 12.34 1.52
CA ASN A 273 -7.44 11.56 1.19
C ASN A 273 -7.79 11.90 -0.24
N ILE A 274 -8.76 11.21 -0.85
CA ILE A 274 -8.93 11.41 -2.26
C ILE A 274 -9.24 12.88 -2.65
N ARG A 275 -9.80 13.63 -1.70
CA ARG A 275 -10.27 14.98 -1.98
C ARG A 275 -9.21 16.06 -1.72
N ASN A 276 -8.18 15.78 -0.91
CA ASN A 276 -7.16 16.78 -0.73
C ASN A 276 -5.82 16.39 -1.37
N ILE A 277 -5.74 15.17 -1.89
CA ILE A 277 -4.38 14.71 -2.32
C ILE A 277 -3.91 15.42 -3.60
N MET A 278 -4.81 15.83 -4.48
CA MET A 278 -4.34 16.52 -5.67
C MET A 278 -3.60 17.84 -5.35
N GLY A 279 -4.13 18.63 -4.42
CA GLY A 279 -3.35 19.76 -3.96
C GLY A 279 -1.95 19.39 -3.46
N ARG A 280 -1.84 18.31 -2.67
CA ARG A 280 -0.54 17.80 -2.25
C ARG A 280 0.36 17.46 -3.47
N MET A 281 -0.18 16.70 -4.44
CA MET A 281 0.67 16.32 -5.55
C MET A 281 1.16 17.54 -6.31
N ASP A 282 0.28 18.53 -6.50
CA ASP A 282 0.62 19.75 -7.26
C ASP A 282 1.74 20.49 -6.62
N LYS A 283 1.70 20.59 -5.29
CA LYS A 283 2.71 21.33 -4.57
C LYS A 283 3.98 20.54 -4.35
N ARG A 284 3.87 19.24 -4.06
CA ARG A 284 5.09 18.50 -3.64
C ARG A 284 5.62 17.49 -4.66
N GLY A 285 4.82 17.08 -5.64
CA GLY A 285 5.30 16.00 -6.55
C GLY A 285 5.27 14.61 -5.85
N ASP A 286 5.58 13.57 -6.62
CA ASP A 286 5.64 12.18 -6.12
C ASP A 286 6.92 11.92 -5.30
N ALA A 287 6.79 11.69 -3.98
CA ALA A 287 7.92 11.49 -3.09
C ALA A 287 8.66 10.21 -3.47
N TRP A 288 8.03 9.29 -4.20
CA TRP A 288 8.74 8.09 -4.58
C TRP A 288 9.12 8.06 -6.06
N LYS A 289 9.21 9.22 -6.71
CA LYS A 289 9.50 9.27 -8.15
C LYS A 289 10.79 8.43 -8.44
N TYR A 290 11.78 8.50 -7.55
CA TYR A 290 13.12 7.88 -7.84
C TYR A 290 13.43 6.71 -6.94
N ILE A 291 12.40 6.19 -6.27
CA ILE A 291 12.61 5.12 -5.30
C ILE A 291 13.44 3.97 -5.92
N ASP A 292 13.11 3.57 -7.16
CA ASP A 292 13.81 2.41 -7.74
C ASP A 292 15.24 2.73 -8.17
N LYS A 293 15.60 4.01 -8.32
CA LYS A 293 17.00 4.38 -8.69
C LYS A 293 17.91 4.16 -7.49
N ASP A 294 17.31 4.15 -6.29
CA ASP A 294 18.06 3.92 -5.07
C ASP A 294 18.14 2.46 -4.62
N ARG A 295 17.66 1.55 -5.47
CA ARG A 295 17.58 0.10 -5.16
C ARG A 295 18.95 -0.35 -4.70
N THR A 296 19.02 -1.09 -3.59
CA THR A 296 20.34 -1.43 -3.04
C THR A 296 20.44 -2.87 -2.55
N SER A 297 21.56 -3.30 -1.95
CA SER A 297 21.57 -4.66 -1.43
C SER A 297 21.90 -4.69 0.08
N ILE A 298 21.60 -5.79 0.77
CA ILE A 298 21.92 -5.89 2.21
C ILE A 298 23.45 -6.02 2.40
N LYS A 299 24.04 -5.22 3.30
CA LYS A 299 25.47 -5.27 3.51
C LYS A 299 25.94 -6.44 4.40
N ASN A 300 27.21 -6.85 4.24
CA ASN A 300 27.83 -7.91 5.08
C ASN A 300 27.23 -9.28 4.91
N LEU A 301 26.92 -9.66 3.67
CA LEU A 301 26.46 -11.03 3.42
C LEU A 301 27.69 -11.89 3.05
C1 EDO B . -8.34 -2.55 6.94
O1 EDO B . -9.35 -2.09 5.99
C2 EDO B . -7.62 -3.72 6.30
O2 EDO B . -7.03 -3.24 5.08
C1 EDO C . -18.70 11.63 -10.38
O1 EDO C . -18.00 11.89 -9.15
C2 EDO C . -19.62 10.40 -10.28
O2 EDO C . -20.42 10.36 -9.12
C1 GOL D . 4.40 -4.09 -1.40
O1 GOL D . 3.71 -4.05 -0.14
C2 GOL D . 5.11 -2.73 -1.64
O2 GOL D . 6.30 -3.24 -1.72
C3 GOL D . 4.91 -1.79 -2.84
O3 GOL D . 5.57 -0.51 -2.49
S SO4 E . 16.68 -6.86 -11.87
O1 SO4 E . 17.39 -8.15 -11.74
O2 SO4 E . 15.68 -6.93 -12.95
O3 SO4 E . 17.64 -5.79 -12.20
O4 SO4 E . 16.05 -6.50 -10.59
S SO4 F . -20.69 -4.27 -12.45
O1 SO4 F . -19.80 -4.60 -13.58
O2 SO4 F . -20.64 -5.30 -11.39
O3 SO4 F . -22.11 -4.17 -12.86
O4 SO4 F . -20.26 -2.95 -11.92
NA NA G . 11.04 -8.06 1.74
#